data_7YVL
#
_entry.id   7YVL
#
_cell.length_a   1.00
_cell.length_b   1.00
_cell.length_c   1.00
_cell.angle_alpha   90.00
_cell.angle_beta   90.00
_cell.angle_gamma   90.00
#
_symmetry.space_group_name_H-M   'P 1'
#
loop_
_entity.id
_entity.type
_entity.pdbx_description
1 polymer 'TH272 Fab heavy chain'
2 polymer 'TH272 Fab light chain'
3 polymer 'Spike glycoprotein'
#
loop_
_entity_poly.entity_id
_entity_poly.type
_entity_poly.pdbx_seq_one_letter_code
_entity_poly.pdbx_strand_id
1 'polypeptide(L)'
;QITLKESGPTLVKPTQTLTLTCTFSGFSLSTGGVSVGWIRQPPGKALEWLALIYWDDDKRYSPSLESRLTITKDTSKNLV
VLTLTNMDPVDTATYYCAHKTIPTIFDYWGQGTLVTVSS
;
A
2 'polypeptide(L)'
;QSALTQPASVSGSPGQSITISCTATSSDVGAYQYVSWYQQYPGKAPKLMIYEVSKRPSGVSNRFSGSKSGNTASLTISGL
QAEDDAYYYCNSYTTSSVVFGGGTKLTVL
;
C
3 'polypeptide(L)'
;MFVFLVLLPLVSSQCVNLITRTQLPPAYTNSFTRGVYYPDKVFRSSVLHSTQDLFLPFFSNVTWFHAIHVSGTNGTKRFD
NPVLPFNDGVYFASTEKSNIIRGWIFGTTLDSKTQSLLIVNNATNVVIKVCEFQFCNDPFLDVYYHKNNKSWMESEFRVY
SSANNCTFEYVSQPFLMDLEGKQGNFKNLREFVFKNIDGYFKIYSKHTPINLGRDLPQGFSALEPLVDLPIGINITRFQT
LLALHRSYLTPGDSSSGWTAGAAAYYVGYLQPRTFLLKYNENGTITDAVDCALDPLSETKCTLKSFTVEKGIYQTSNFRV
QPTESIVRFPNITNLCPFDEVFNATRFASVYAWNRKRISNCVADYSVLYNFAPFFAFKCYGVSPTKLNDLCFTNVYADSF
VIRGNEVSQIAPGQTGNIADYNYKLPDDFTGCVIAWNSNKLDSKVGGNYNYRYRLFRKSNLKPFERDISTEIYQAGNKPC
NGVAGVNCYFPLQSYGFRPTYGVGHQPYRVVVLSFELLHAPATVCGPKKSTNLVKNKCVNFNFNGLTGTGVLTESNKKFL
PFQQFGRDIADTTDAVRDPQTLEILDITPCSFGGVSVITPGTNTSNQVAVLYQGVNCTEVPVAIHADQLTPTWRVYSTGS
NVFQTRAGCLIGAEYVNSSYECDIPIGAGICASYQTQTKSHGSASSVASQSIIAYTMSLGAENSVAYSNNSIAIPTNFTI
SVTTEILPVSMTKTSVDCTMYICGDSTECSNLLLQYGSFCTQLKRALTGIAVEQDKNTQEVFAQVKQIYKTPPIKYFGGF
NFSQILPDPSKPSKRSPIEDLLFNKVTLADAGFIKQYGDCLGDIAARDLICAQKFNGLTVLPPLLTDEMIAQYTSALLAG
TITSGWTFGAGPALQIPFPMQMAYRFNGIGVTQNVLYENQKLIANQFNSAIGKIQDSLSSTPSALGKLQDVVNHNAQALN
TLVKQLSSKFGAISSVLNDILSRLDPPEAEVQIDRLITGRLQSLQTYVTQQLIRAAEIRASANLAATKMSECVLGQSKRV
DFCGKGYHLMSFPQSAPHGVVFLHVTYVPAQEKNFTTAPAICHDGKAHFPREGVFVSNGTHWFVTQRNFYEPQIITTDNT
FVSGNCDVVIGIVNNTVYDPLQPELDSFKEELDKYFKNHTSPDVDLGDISGINASVVNIQKEIDRLNEVAKNLNESLIDL
QELGKYEQGSGYIPEAPRDGQAYVRKDGEWVFLSTFLSGLEVLFQGPGGWSHPQFEKGGGSGGGSGGSAWSHPQFEKGGS
HHHHHHHH
;
B
#
# COMPACT_ATOMS: atom_id res chain seq x y z
N ILE A 2 1.53 -12.61 -16.90
CA ILE A 2 2.68 -12.14 -16.15
C ILE A 2 3.69 -13.28 -16.00
N THR A 3 4.97 -12.94 -16.10
CA THR A 3 6.05 -13.91 -16.05
C THR A 3 7.30 -13.23 -15.50
N LEU A 4 8.09 -13.98 -14.73
CA LEU A 4 9.37 -13.50 -14.24
C LEU A 4 10.40 -14.61 -14.42
N LYS A 5 11.66 -14.22 -14.53
CA LYS A 5 12.74 -15.19 -14.67
C LYS A 5 14.02 -14.62 -14.10
N GLU A 6 14.67 -15.38 -13.21
CA GLU A 6 15.93 -14.97 -12.62
C GLU A 6 17.10 -15.54 -13.41
N SER A 7 18.24 -14.90 -13.26
CA SER A 7 19.48 -15.37 -13.88
C SER A 7 20.66 -14.79 -13.12
N GLY A 8 21.82 -15.41 -13.34
CA GLY A 8 23.03 -14.95 -12.70
C GLY A 8 24.02 -16.08 -12.46
N PRO A 9 25.06 -15.81 -11.69
CA PRO A 9 26.05 -16.85 -11.39
C PRO A 9 25.46 -17.89 -10.45
N THR A 10 25.70 -19.16 -10.77
CA THR A 10 25.22 -20.26 -9.95
C THR A 10 26.17 -20.59 -8.81
N LEU A 11 27.46 -20.31 -8.98
CA LEU A 11 28.47 -20.64 -7.98
C LEU A 11 29.20 -19.37 -7.57
N VAL A 12 29.60 -19.32 -6.30
CA VAL A 12 30.27 -18.15 -5.75
C VAL A 12 31.12 -18.61 -4.57
N LYS A 13 32.18 -17.86 -4.29
CA LYS A 13 33.13 -18.22 -3.25
C LYS A 13 32.91 -17.40 -1.97
N PRO A 14 33.48 -17.85 -0.85
CA PRO A 14 33.33 -17.10 0.41
C PRO A 14 33.79 -15.66 0.29
N THR A 15 33.09 -14.76 0.99
CA THR A 15 33.38 -13.34 1.00
C THR A 15 33.48 -12.79 -0.42
N GLN A 16 32.36 -12.87 -1.13
CA GLN A 16 32.28 -12.41 -2.51
C GLN A 16 30.98 -11.65 -2.69
N THR A 17 30.94 -10.84 -3.75
CA THR A 17 29.75 -10.06 -4.07
C THR A 17 28.89 -10.85 -5.06
N LEU A 18 27.74 -11.35 -4.58
CA LEU A 18 26.82 -12.11 -5.42
C LEU A 18 25.80 -11.19 -6.10
N THR A 19 25.55 -11.44 -7.39
CA THR A 19 24.66 -10.63 -8.21
C THR A 19 23.59 -11.49 -8.87
N LEU A 20 22.38 -10.94 -8.99
CA LEU A 20 21.27 -11.64 -9.65
C LEU A 20 20.42 -10.65 -10.42
N THR A 21 19.93 -11.07 -11.58
CA THR A 21 19.10 -10.24 -12.45
C THR A 21 17.77 -10.93 -12.71
N CYS A 22 16.68 -10.26 -12.38
CA CYS A 22 15.33 -10.77 -12.57
C CYS A 22 14.63 -9.97 -13.66
N THR A 23 14.36 -10.63 -14.78
CA THR A 23 13.71 -10.00 -15.92
C THR A 23 12.23 -10.42 -15.95
N PHE A 24 11.35 -9.45 -16.11
CA PHE A 24 9.92 -9.73 -16.08
C PHE A 24 9.25 -9.31 -17.37
N SER A 25 8.03 -9.83 -17.57
CA SER A 25 7.24 -9.56 -18.76
C SER A 25 5.77 -9.65 -18.38
N GLY A 26 4.95 -8.79 -18.97
CA GLY A 26 3.52 -8.73 -18.72
C GLY A 26 3.09 -7.49 -17.96
N PHE A 27 4.00 -6.92 -17.18
CA PHE A 27 3.74 -5.72 -16.41
C PHE A 27 5.02 -4.89 -16.43
N SER A 28 4.92 -3.66 -15.95
CA SER A 28 6.08 -2.79 -15.88
C SER A 28 6.16 -2.19 -14.48
N LEU A 29 7.16 -1.33 -14.27
CA LEU A 29 7.33 -0.64 -13.01
C LEU A 29 6.89 0.82 -13.11
N SER A 30 5.88 1.07 -13.92
CA SER A 30 5.35 2.42 -14.12
C SER A 30 3.97 2.61 -13.52
N THR A 31 3.18 1.55 -13.42
CA THR A 31 1.85 1.66 -12.85
C THR A 31 1.92 1.71 -11.34
N GLY A 32 0.91 2.31 -10.73
CA GLY A 32 0.90 2.45 -9.28
C GLY A 32 0.71 1.12 -8.58
N GLY A 33 1.22 1.05 -7.35
CA GLY A 33 1.09 -0.14 -6.55
C GLY A 33 2.11 -1.22 -6.85
N VAL A 34 2.52 -1.32 -8.11
CA VAL A 34 3.41 -2.40 -8.52
C VAL A 34 4.80 -2.20 -7.92
N SER A 35 5.38 -3.30 -7.43
CA SER A 35 6.72 -3.30 -6.87
C SER A 35 7.32 -4.67 -7.11
N VAL A 36 8.60 -4.82 -6.78
CA VAL A 36 9.31 -6.08 -6.96
C VAL A 36 10.20 -6.34 -5.76
N GLY A 37 10.12 -7.54 -5.20
CA GLY A 37 10.91 -7.89 -4.04
C GLY A 37 11.65 -9.19 -4.26
N TRP A 38 12.57 -9.48 -3.35
CA TRP A 38 13.37 -10.69 -3.40
C TRP A 38 13.17 -11.51 -2.13
N ILE A 39 13.29 -12.83 -2.28
CA ILE A 39 13.10 -13.76 -1.18
C ILE A 39 14.09 -14.91 -1.36
N ARG A 40 14.57 -15.44 -0.24
CA ARG A 40 15.44 -16.62 -0.29
C ARG A 40 14.89 -17.71 0.60
N GLN A 41 15.33 -18.93 0.34
CA GLN A 41 14.92 -20.08 1.14
C GLN A 41 16.08 -21.06 1.27
N PRO A 42 16.62 -21.25 2.48
CA PRO A 42 17.63 -22.27 2.69
C PRO A 42 17.04 -23.65 2.52
N PRO A 43 17.88 -24.66 2.22
CA PRO A 43 17.35 -26.02 2.01
C PRO A 43 16.69 -26.54 3.27
N GLY A 44 15.39 -26.84 3.17
CA GLY A 44 14.66 -27.39 4.29
C GLY A 44 14.34 -26.40 5.39
N LYS A 45 14.46 -25.12 5.14
CA LYS A 45 14.15 -24.08 6.12
C LYS A 45 13.01 -23.22 5.61
N ALA A 46 12.68 -22.19 6.36
CA ALA A 46 11.54 -21.35 5.96
C ALA A 46 12.04 -20.28 4.99
N LEU A 47 11.13 -19.64 4.25
CA LEU A 47 11.52 -18.56 3.31
C LEU A 47 11.92 -17.33 4.11
N GLU A 48 12.40 -16.26 3.48
CA GLU A 48 12.67 -14.99 4.22
C GLU A 48 12.64 -13.81 3.26
N TRP A 49 12.43 -12.60 3.79
CA TRP A 49 12.45 -11.39 2.93
C TRP A 49 13.88 -10.91 2.76
N LEU A 50 14.13 -10.04 1.77
CA LEU A 50 15.49 -9.53 1.50
C LEU A 50 15.41 -8.01 1.29
N ALA A 51 14.69 -7.57 0.26
CA ALA A 51 14.59 -6.12 -0.04
C ALA A 51 13.32 -5.84 -0.87
N LEU A 52 13.14 -4.63 -1.37
CA LEU A 52 12.00 -4.32 -2.19
C LEU A 52 12.23 -3.04 -2.91
N ILE A 53 11.76 -2.91 -4.13
CA ILE A 53 11.94 -1.69 -4.90
C ILE A 53 10.59 -1.29 -5.35
N TYR A 54 10.10 -0.11 -5.04
CA TYR A 54 8.74 0.24 -5.44
C TYR A 54 8.64 0.83 -6.80
N TRP A 55 7.51 1.35 -7.20
CA TRP A 55 7.42 1.92 -8.55
C TRP A 55 7.77 3.39 -8.58
N ASP A 56 8.05 3.92 -7.44
CA ASP A 56 8.32 5.28 -7.26
C ASP A 56 9.74 5.40 -6.94
N ASP A 57 10.54 4.34 -7.14
CA ASP A 57 12.00 4.37 -6.88
C ASP A 57 12.24 4.67 -5.40
N ASP A 58 11.26 4.34 -4.55
CA ASP A 58 11.46 4.31 -3.08
C ASP A 58 11.82 2.88 -2.67
N LYS A 59 12.99 2.68 -2.06
CA LYS A 59 13.54 1.32 -1.86
C LYS A 59 13.48 0.95 -0.37
N ARG A 60 13.34 -0.35 -0.07
CA ARG A 60 13.25 -0.81 1.31
C ARG A 60 14.06 -2.09 1.46
N TYR A 61 14.67 -2.27 2.62
CA TYR A 61 15.44 -3.47 2.90
C TYR A 61 14.96 -4.10 4.19
N SER A 62 15.38 -5.34 4.43
CA SER A 62 15.07 -6.00 5.68
C SER A 62 15.89 -5.41 6.82
N PRO A 63 15.30 -5.18 7.98
CA PRO A 63 16.04 -4.53 9.07
C PRO A 63 17.28 -5.28 9.50
N SER A 64 17.17 -6.59 9.73
CA SER A 64 18.28 -7.33 10.29
C SER A 64 19.48 -7.35 9.35
N LEU A 65 19.23 -7.49 8.05
CA LEU A 65 20.29 -7.66 7.06
C LEU A 65 20.41 -6.49 6.10
N GLU A 66 20.10 -5.28 6.55
CA GLU A 66 20.21 -4.10 5.69
C GLU A 66 21.67 -3.67 5.61
N SER A 67 21.89 -2.49 5.03
CA SER A 67 23.22 -1.92 4.80
C SER A 67 24.05 -2.81 3.89
N ARG A 68 23.34 -3.51 3.01
CA ARG A 68 23.92 -4.40 2.01
C ARG A 68 22.82 -4.70 1.00
N LEU A 69 23.08 -5.65 0.11
CA LEU A 69 22.16 -6.10 -0.93
C LEU A 69 21.42 -4.95 -1.63
N THR A 70 22.21 -4.01 -2.18
CA THR A 70 21.68 -2.85 -2.90
C THR A 70 20.86 -3.25 -4.12
N ILE A 71 19.54 -3.07 -4.07
CA ILE A 71 18.64 -3.40 -5.17
C ILE A 71 18.49 -2.23 -6.15
N THR A 72 18.93 -2.43 -7.39
CA THR A 72 18.81 -1.44 -8.47
C THR A 72 17.81 -1.93 -9.52
N LYS A 73 17.59 -1.11 -10.54
CA LYS A 73 16.64 -1.49 -11.58
C LYS A 73 16.89 -0.71 -12.86
N ASP A 74 16.24 -1.18 -13.93
CA ASP A 74 16.29 -0.55 -15.25
C ASP A 74 14.93 -0.79 -15.91
N THR A 75 14.15 0.28 -16.04
CA THR A 75 12.77 0.17 -16.52
C THR A 75 12.67 0.13 -18.04
N SER A 76 13.77 0.32 -18.76
CA SER A 76 13.72 0.27 -20.23
C SER A 76 13.62 -1.16 -20.72
N LYS A 77 14.49 -2.04 -20.25
CA LYS A 77 14.45 -3.45 -20.62
C LYS A 77 13.75 -4.30 -19.56
N ASN A 78 13.08 -3.66 -18.60
CA ASN A 78 12.35 -4.35 -17.53
C ASN A 78 13.23 -5.37 -16.81
N LEU A 79 14.23 -4.86 -16.09
CA LEU A 79 15.12 -5.76 -15.37
C LEU A 79 15.43 -5.19 -14.00
N VAL A 80 15.48 -6.08 -12.99
CA VAL A 80 15.82 -5.68 -11.63
C VAL A 80 17.10 -6.40 -11.27
N VAL A 81 17.96 -5.74 -10.48
CA VAL A 81 19.24 -6.32 -10.10
C VAL A 81 19.40 -6.27 -8.59
N LEU A 82 19.74 -7.41 -7.99
CA LEU A 82 20.05 -7.45 -6.57
C LEU A 82 21.49 -7.90 -6.41
N THR A 83 22.23 -7.21 -5.53
CA THR A 83 23.63 -7.53 -5.32
C THR A 83 23.93 -7.50 -3.83
N LEU A 84 24.35 -8.63 -3.27
CA LEU A 84 24.65 -8.76 -1.85
C LEU A 84 26.08 -9.28 -1.70
N THR A 85 26.92 -8.52 -1.02
CA THR A 85 28.33 -8.87 -0.87
C THR A 85 28.58 -9.70 0.38
N ASN A 86 29.85 -10.04 0.60
CA ASN A 86 30.31 -10.83 1.74
C ASN A 86 29.54 -12.14 1.88
N MET A 87 29.76 -13.01 0.90
CA MET A 87 29.14 -14.33 0.91
C MET A 87 29.61 -15.14 2.11
N ASP A 88 28.67 -15.75 2.82
CA ASP A 88 28.94 -16.66 3.91
C ASP A 88 28.29 -18.00 3.59
N PRO A 89 28.77 -19.10 4.19
CA PRO A 89 28.09 -20.38 4.01
C PRO A 89 26.64 -20.38 4.45
N VAL A 90 26.19 -19.37 5.19
CA VAL A 90 24.78 -19.28 5.52
C VAL A 90 23.95 -18.88 4.31
N ASP A 91 24.55 -18.13 3.38
CA ASP A 91 23.84 -17.57 2.23
C ASP A 91 23.59 -18.58 1.10
N THR A 92 23.81 -19.88 1.33
CA THR A 92 23.58 -20.88 0.29
C THR A 92 22.10 -21.25 0.31
N ALA A 93 21.33 -20.67 -0.59
CA ALA A 93 19.90 -20.97 -0.61
C ALA A 93 19.30 -20.62 -1.96
N THR A 94 18.02 -20.98 -2.13
CA THR A 94 17.30 -20.66 -3.35
C THR A 94 16.87 -19.19 -3.31
N TYR A 95 16.59 -18.62 -4.48
CA TYR A 95 16.23 -17.22 -4.58
C TYR A 95 15.11 -16.99 -5.57
N TYR A 96 14.08 -16.25 -5.16
CA TYR A 96 12.91 -15.96 -5.97
C TYR A 96 12.65 -14.46 -5.99
N CYS A 97 12.14 -13.99 -7.14
CA CYS A 97 11.80 -12.59 -7.39
C CYS A 97 10.30 -12.54 -7.69
N ALA A 98 9.48 -12.10 -6.74
CA ALA A 98 8.04 -12.05 -6.93
C ALA A 98 7.52 -10.62 -6.91
N HIS A 99 6.43 -10.40 -7.66
CA HIS A 99 5.79 -9.10 -7.75
C HIS A 99 4.81 -8.91 -6.60
N LYS A 100 4.86 -7.73 -5.97
CA LYS A 100 4.02 -7.39 -4.83
C LYS A 100 2.92 -6.38 -5.12
N THR A 101 1.67 -6.66 -4.81
CA THR A 101 0.65 -5.60 -4.76
C THR A 101 0.34 -5.36 -3.28
N ILE A 102 -0.43 -4.37 -2.87
CA ILE A 102 -0.61 -4.22 -1.42
C ILE A 102 -1.27 -5.31 -0.71
N PRO A 103 -2.39 -5.79 -1.14
CA PRO A 103 -3.04 -6.89 -0.44
C PRO A 103 -2.58 -8.25 -0.86
N THR A 104 -2.46 -8.44 -2.12
CA THR A 104 -2.02 -9.73 -2.65
C THR A 104 -0.49 -9.77 -2.66
N ILE A 105 0.07 -9.93 -1.47
CA ILE A 105 1.51 -9.93 -1.26
C ILE A 105 2.16 -11.12 -1.95
N PHE A 106 3.09 -10.84 -2.87
CA PHE A 106 3.85 -11.86 -3.60
C PHE A 106 2.94 -12.90 -4.26
N ASP A 107 2.12 -12.42 -5.19
CA ASP A 107 1.20 -13.27 -5.91
C ASP A 107 1.77 -13.90 -7.17
N TYR A 108 2.89 -13.38 -7.68
CA TYR A 108 3.47 -13.91 -8.91
C TYR A 108 4.96 -14.17 -8.71
N TRP A 109 5.33 -15.42 -8.48
CA TRP A 109 6.71 -15.81 -8.26
C TRP A 109 7.33 -16.33 -9.55
N GLY A 110 8.66 -16.31 -9.59
CA GLY A 110 9.37 -16.78 -10.76
C GLY A 110 9.76 -18.24 -10.66
N GLN A 111 10.94 -18.58 -11.18
CA GLN A 111 11.42 -19.96 -11.16
C GLN A 111 12.32 -20.21 -9.96
N GLY A 112 13.39 -19.43 -9.85
CA GLY A 112 14.34 -19.58 -8.76
C GLY A 112 15.58 -20.35 -9.17
N THR A 113 16.76 -19.87 -8.76
CA THR A 113 18.02 -20.52 -9.10
C THR A 113 18.78 -20.91 -7.84
N LEU A 114 19.18 -22.17 -7.75
CA LEU A 114 19.95 -22.66 -6.61
C LEU A 114 21.40 -22.23 -6.74
N VAL A 115 21.94 -21.61 -5.69
CA VAL A 115 23.30 -21.08 -5.70
C VAL A 115 24.03 -21.56 -4.45
N THR A 116 25.30 -21.91 -4.62
CA THR A 116 26.11 -22.45 -3.54
C THR A 116 27.23 -21.48 -3.16
N VAL A 117 27.55 -21.43 -1.87
CA VAL A 117 28.58 -20.55 -1.32
C VAL A 117 29.56 -21.42 -0.53
N SER A 118 30.67 -21.80 -1.17
CA SER A 118 31.70 -22.59 -0.48
C SER A 118 32.92 -22.71 -1.38
N SER A 119 33.99 -23.21 -0.80
CA SER A 119 35.22 -23.49 -1.53
C SER A 119 35.08 -24.72 -2.40
N SER B 2 9.34 -17.09 15.98
CA SER B 2 9.36 -15.93 16.86
C SER B 2 8.45 -14.83 16.33
N ALA B 3 8.45 -14.64 15.00
CA ALA B 3 7.63 -13.61 14.40
C ALA B 3 6.20 -14.09 14.21
N LEU B 4 6.04 -15.22 13.55
CA LEU B 4 4.77 -15.93 13.46
C LEU B 4 4.95 -17.29 14.12
N THR B 5 3.93 -18.15 14.04
CA THR B 5 4.01 -19.46 14.68
C THR B 5 3.08 -20.44 13.99
N GLN B 6 3.62 -21.60 13.63
CA GLN B 6 2.84 -22.61 12.94
C GLN B 6 3.09 -23.97 13.56
N PRO B 7 2.08 -24.84 13.58
CA PRO B 7 2.29 -26.19 14.10
C PRO B 7 3.21 -27.00 13.19
N ALA B 8 3.72 -28.09 13.75
CA ALA B 8 4.71 -28.90 13.04
C ALA B 8 4.12 -29.49 11.76
N SER B 9 3.07 -30.29 11.91
CA SER B 9 2.47 -30.95 10.76
C SER B 9 1.07 -31.42 11.12
N VAL B 10 0.30 -31.75 10.09
CA VAL B 10 -1.04 -32.30 10.23
C VAL B 10 -1.23 -33.39 9.18
N SER B 11 -2.05 -34.38 9.52
CA SER B 11 -2.37 -35.48 8.61
C SER B 11 -3.85 -35.78 8.73
N GLY B 12 -4.63 -35.43 7.71
CA GLY B 12 -6.06 -35.65 7.68
C GLY B 12 -6.43 -36.75 6.71
N SER B 13 -7.34 -37.61 7.11
CA SER B 13 -7.77 -38.70 6.25
C SER B 13 -8.38 -38.16 4.96
N PRO B 14 -8.22 -38.86 3.84
CA PRO B 14 -8.58 -38.29 2.53
C PRO B 14 -10.08 -38.15 2.38
N GLY B 15 -10.54 -36.94 2.08
CA GLY B 15 -11.96 -36.66 1.92
C GLY B 15 -12.58 -35.89 3.07
N GLN B 16 -11.81 -35.48 4.05
CA GLN B 16 -12.29 -34.75 5.22
C GLN B 16 -11.78 -33.32 5.21
N SER B 17 -12.11 -32.57 6.26
CA SER B 17 -11.71 -31.18 6.42
C SER B 17 -10.65 -31.05 7.50
N ILE B 18 -9.87 -29.97 7.43
CA ILE B 18 -8.81 -29.73 8.41
C ILE B 18 -8.48 -28.25 8.45
N THR B 19 -8.19 -27.74 9.65
CA THR B 19 -7.84 -26.34 9.86
C THR B 19 -6.43 -26.24 10.41
N ILE B 20 -5.70 -25.20 9.98
CA ILE B 20 -4.35 -24.92 10.42
C ILE B 20 -4.31 -23.53 11.01
N SER B 21 -3.49 -23.34 12.06
CA SER B 21 -3.44 -22.02 12.74
C SER B 21 -2.09 -21.34 12.50
N CYS B 22 -2.10 -20.02 12.27
CA CYS B 22 -0.83 -19.26 12.12
C CYS B 22 -0.83 -18.13 13.15
N THR B 23 -0.67 -18.52 14.48
CA THR B 23 -0.73 -17.47 15.53
C THR B 23 0.44 -16.51 15.37
N ALA B 24 0.22 -15.22 15.64
CA ALA B 24 1.31 -14.25 15.54
C ALA B 24 2.29 -14.38 16.70
N THR B 25 1.77 -14.56 17.91
CA THR B 25 2.59 -14.70 19.12
C THR B 25 3.62 -13.56 19.21
N SER B 26 3.14 -12.35 18.95
CA SER B 26 3.99 -11.17 19.01
C SER B 26 3.09 -9.94 19.08
N SER B 27 3.37 -9.06 20.03
CA SER B 27 2.59 -7.84 20.16
C SER B 27 2.97 -6.86 19.06
N ASP B 28 2.03 -5.98 18.73
CA ASP B 28 2.20 -4.95 17.71
C ASP B 28 2.74 -5.54 16.40
N VAL B 29 1.95 -6.43 15.82
CA VAL B 29 2.13 -6.83 14.43
C VAL B 29 1.28 -5.89 13.60
N GLY B 30 0.70 -4.88 14.25
CA GLY B 30 -0.15 -3.92 13.59
C GLY B 30 -1.61 -4.25 13.74
N ALA B 31 -2.36 -4.08 12.66
CA ALA B 31 -3.78 -4.42 12.62
C ALA B 31 -4.02 -5.86 12.25
N TYR B 32 -2.99 -6.55 11.76
CA TYR B 32 -3.07 -7.96 11.38
C TYR B 32 -4.28 -8.18 10.46
N GLN B 33 -4.22 -7.52 9.31
CA GLN B 33 -5.31 -7.51 8.34
C GLN B 33 -4.97 -8.21 7.03
N TYR B 34 -3.74 -8.10 6.56
CA TYR B 34 -3.31 -8.79 5.35
C TYR B 34 -2.49 -10.00 5.76
N VAL B 35 -3.00 -11.19 5.49
CA VAL B 35 -2.30 -12.43 5.82
C VAL B 35 -2.46 -13.35 4.63
N SER B 36 -1.38 -13.60 3.90
CA SER B 36 -1.45 -14.44 2.73
C SER B 36 -0.93 -15.85 3.01
N TRP B 37 -1.44 -16.82 2.25
CA TRP B 37 -1.09 -18.23 2.41
C TRP B 37 -0.52 -18.78 1.11
N TYR B 38 0.52 -19.61 1.24
CA TYR B 38 1.20 -20.19 0.08
C TYR B 38 1.23 -21.70 0.24
N GLN B 39 1.05 -22.25 -1.17
CA GLN B 39 1.12 -23.74 -1.34
C GLN B 39 2.53 -24.09 -1.81
N GLN B 40 3.30 -24.79 -0.98
CA GLN B 40 4.69 -25.19 -1.36
C GLN B 40 4.71 -26.65 -1.83
N TYR B 41 5.10 -26.88 -3.09
CA TYR B 41 5.16 -28.27 -3.64
C TYR B 41 6.53 -28.89 -3.27
N PRO B 42 6.77 -30.19 -3.55
CA PRO B 42 8.08 -30.81 -3.27
C PRO B 42 9.16 -30.32 -4.22
N GLY B 43 9.64 -29.10 -3.97
CA GLY B 43 10.67 -28.54 -4.83
C GLY B 43 10.13 -27.73 -5.99
N LYS B 44 9.18 -26.84 -5.72
CA LYS B 44 8.58 -25.99 -6.73
C LYS B 44 8.33 -24.61 -6.13
N ALA B 45 8.01 -23.66 -6.99
CA ALA B 45 7.78 -22.29 -6.54
C ALA B 45 6.43 -22.20 -5.83
N PRO B 46 6.37 -21.60 -4.64
CA PRO B 46 5.10 -21.48 -3.92
C PRO B 46 4.06 -20.76 -4.74
N LYS B 47 2.81 -21.22 -4.62
CA LYS B 47 1.68 -20.65 -5.33
C LYS B 47 0.72 -20.02 -4.34
N LEU B 48 0.24 -18.83 -4.67
CA LEU B 48 -0.69 -18.10 -3.82
C LEU B 48 -2.03 -18.82 -3.79
N MET B 49 -2.50 -19.17 -2.59
CA MET B 49 -3.79 -19.82 -2.44
C MET B 49 -4.90 -18.85 -2.06
N ILE B 50 -4.74 -18.13 -0.95
CA ILE B 50 -5.69 -17.10 -0.55
C ILE B 50 -4.93 -15.91 0.03
N TYR B 51 -5.50 -14.73 -0.16
CA TYR B 51 -4.98 -13.48 0.35
C TYR B 51 -6.16 -12.74 0.95
N GLU B 52 -5.86 -11.73 1.78
CA GLU B 52 -6.87 -10.91 2.45
C GLU B 52 -7.85 -11.75 3.28
N VAL B 53 -7.28 -12.51 4.22
CA VAL B 53 -8.08 -13.37 5.14
C VAL B 53 -9.12 -14.18 4.37
N SER B 54 -10.39 -13.79 4.47
CA SER B 54 -11.46 -14.57 3.87
C SER B 54 -11.57 -14.49 2.35
N LYS B 55 -10.77 -13.62 1.74
CA LYS B 55 -10.79 -13.47 0.29
C LYS B 55 -9.97 -14.56 -0.40
N ARG B 56 -10.07 -14.60 -1.73
CA ARG B 56 -9.34 -15.61 -2.50
C ARG B 56 -9.20 -15.18 -3.96
N PRO B 57 -8.01 -15.36 -4.53
CA PRO B 57 -7.77 -14.97 -5.93
C PRO B 57 -8.43 -15.94 -6.89
N SER B 58 -9.07 -15.38 -7.92
CA SER B 58 -9.73 -16.20 -8.92
C SER B 58 -8.69 -17.02 -9.68
N GLY B 59 -8.90 -18.32 -9.72
CA GLY B 59 -7.99 -19.23 -10.40
C GLY B 59 -7.74 -20.48 -9.60
N VAL B 60 -8.17 -20.48 -8.35
CA VAL B 60 -7.99 -21.61 -7.45
C VAL B 60 -9.34 -22.17 -7.05
N SER B 61 -9.33 -23.24 -6.26
CA SER B 61 -10.54 -23.96 -5.90
C SER B 61 -11.44 -23.10 -5.00
N ASN B 62 -12.58 -23.66 -4.62
CA ASN B 62 -13.53 -22.99 -3.74
C ASN B 62 -13.61 -23.65 -2.38
N ARG B 63 -12.61 -24.45 -2.01
CA ARG B 63 -12.60 -25.14 -0.73
C ARG B 63 -11.73 -24.46 0.33
N PHE B 64 -10.64 -23.83 -0.07
CA PHE B 64 -9.81 -23.12 0.90
C PHE B 64 -10.52 -21.89 1.41
N SER B 65 -10.46 -21.67 2.72
CA SER B 65 -11.09 -20.48 3.32
C SER B 65 -10.36 -20.08 4.59
N GLY B 66 -10.00 -18.80 4.70
CA GLY B 66 -9.33 -18.32 5.88
C GLY B 66 -10.28 -17.73 6.92
N SER B 67 -9.74 -17.52 8.12
CA SER B 67 -10.50 -16.95 9.23
C SER B 67 -9.53 -16.34 10.23
N LYS B 68 -10.06 -15.62 11.22
CA LYS B 68 -9.18 -14.95 12.21
C LYS B 68 -9.81 -15.02 13.61
N SER B 69 -9.19 -15.79 14.52
CA SER B 69 -9.70 -15.86 15.91
C SER B 69 -8.99 -14.79 16.74
N GLY B 70 -8.37 -13.82 16.07
CA GLY B 70 -7.63 -12.75 16.77
C GLY B 70 -6.14 -13.05 16.82
N ASN B 71 -5.33 -12.27 16.09
CA ASN B 71 -3.86 -12.44 16.14
C ASN B 71 -3.43 -13.66 15.33
N THR B 72 -4.37 -14.50 14.88
CA THR B 72 -3.94 -15.65 14.03
C THR B 72 -4.78 -15.74 12.76
N ALA B 73 -4.40 -16.63 11.85
CA ALA B 73 -5.13 -16.85 10.58
C ALA B 73 -5.43 -18.35 10.42
N SER B 74 -6.69 -18.75 10.57
CA SER B 74 -7.07 -20.18 10.46
C SER B 74 -7.25 -20.58 8.99
N LEU B 75 -6.20 -21.13 8.37
CA LEU B 75 -6.31 -21.61 6.97
C LEU B 75 -7.11 -22.90 6.97
N THR B 76 -8.21 -22.96 6.22
CA THR B 76 -9.08 -24.17 6.23
C THR B 76 -8.99 -24.93 4.91
N ILE B 77 -9.19 -26.24 4.95
CA ILE B 77 -9.13 -27.08 3.75
C ILE B 77 -10.28 -28.07 3.83
N SER B 78 -11.27 -27.92 2.98
CA SER B 78 -12.41 -28.82 2.96
C SER B 78 -12.25 -29.83 1.82
N GLY B 79 -12.88 -30.98 1.98
CA GLY B 79 -12.81 -32.02 0.97
C GLY B 79 -11.39 -32.44 0.65
N LEU B 80 -10.63 -32.83 1.67
CA LEU B 80 -9.21 -33.10 1.50
C LEU B 80 -8.98 -34.15 0.43
N GLN B 81 -8.15 -33.80 -0.54
CA GLN B 81 -7.80 -34.70 -1.63
C GLN B 81 -6.32 -35.04 -1.55
N ALA B 82 -5.95 -36.18 -2.14
CA ALA B 82 -4.57 -36.62 -2.10
C ALA B 82 -3.62 -35.63 -2.75
N GLU B 83 -4.14 -34.76 -3.62
CA GLU B 83 -3.32 -33.75 -4.29
C GLU B 83 -2.78 -32.70 -3.32
N ASP B 84 -3.36 -32.59 -2.12
CA ASP B 84 -3.05 -31.50 -1.22
C ASP B 84 -1.82 -31.75 -0.35
N ASP B 85 -1.20 -32.93 -0.45
CA ASP B 85 0.00 -33.22 0.32
C ASP B 85 1.10 -32.24 -0.08
N ALA B 86 1.44 -31.31 0.80
CA ALA B 86 2.36 -30.24 0.42
C ALA B 86 2.74 -29.45 1.67
N TYR B 87 3.57 -28.42 1.47
CA TYR B 87 3.91 -27.51 2.54
C TYR B 87 3.08 -26.25 2.45
N TYR B 88 2.85 -25.61 3.59
CA TYR B 88 2.01 -24.44 3.65
C TYR B 88 2.64 -23.38 4.54
N TYR B 89 2.53 -22.13 4.11
CA TYR B 89 3.16 -21.02 4.81
C TYR B 89 2.20 -19.84 4.90
N CYS B 90 2.41 -19.01 5.92
CA CYS B 90 1.65 -17.80 6.14
C CYS B 90 2.61 -16.62 6.08
N ASN B 91 2.06 -15.44 5.79
CA ASN B 91 2.91 -14.29 5.50
C ASN B 91 2.17 -13.00 5.82
N SER B 92 2.78 -12.14 6.65
CA SER B 92 2.12 -10.88 6.96
C SER B 92 3.11 -9.84 7.50
N TYR B 93 3.05 -8.65 6.97
CA TYR B 93 3.98 -7.64 7.33
C TYR B 93 3.94 -7.27 8.68
N THR B 94 5.07 -6.99 9.25
CA THR B 94 5.06 -6.39 10.55
C THR B 94 5.33 -4.90 10.36
N THR B 95 5.68 -4.14 11.39
CA THR B 95 5.87 -2.72 11.14
C THR B 95 6.99 -2.44 10.24
N SER B 96 8.07 -3.16 10.39
CA SER B 96 9.17 -2.91 9.54
C SER B 96 9.33 -3.76 8.36
N SER B 97 8.89 -5.01 8.35
CA SER B 97 9.15 -5.82 7.17
C SER B 97 8.39 -7.06 7.13
N VAL B 98 8.11 -7.57 5.96
CA VAL B 98 7.43 -8.80 5.78
C VAL B 98 7.98 -9.97 6.54
N VAL B 99 7.16 -10.76 7.19
CA VAL B 99 7.61 -11.96 7.90
C VAL B 99 6.81 -13.16 7.39
N PHE B 100 7.38 -14.34 7.57
CA PHE B 100 6.84 -15.60 7.12
C PHE B 100 6.59 -16.51 8.32
N GLY B 101 5.85 -17.59 8.06
CA GLY B 101 5.61 -18.59 9.08
C GLY B 101 6.67 -19.68 9.07
N GLY B 102 6.72 -20.44 10.16
CA GLY B 102 7.67 -21.53 10.29
C GLY B 102 7.41 -22.71 9.39
N GLY B 103 6.33 -22.71 8.63
CA GLY B 103 6.05 -23.85 7.75
C GLY B 103 5.14 -24.87 8.40
N THR B 104 4.37 -25.55 7.56
CA THR B 104 3.51 -26.65 7.99
C THR B 104 3.51 -27.72 6.91
N LYS B 105 3.46 -28.99 7.32
CA LYS B 105 3.46 -30.11 6.40
C LYS B 105 2.11 -30.81 6.46
N LEU B 106 1.54 -31.10 5.29
CA LEU B 106 0.25 -31.78 5.22
C LEU B 106 0.41 -33.03 4.36
N THR B 107 0.30 -34.20 5.00
CA THR B 107 0.33 -35.50 4.35
C THR B 107 -1.00 -36.20 4.58
N VAL B 108 -1.64 -36.65 3.51
CA VAL B 108 -2.97 -37.21 3.58
C VAL B 108 -2.88 -38.73 3.73
N LEU B 109 -3.49 -39.25 4.79
CA LEU B 109 -3.48 -40.69 5.05
C LEU B 109 -4.79 -41.13 5.68
N ASN C 334 -19.62 17.77 -26.04
CA ASN C 334 -18.27 17.81 -25.48
C ASN C 334 -18.26 17.61 -23.98
N LEU C 335 -17.41 16.71 -23.50
CA LEU C 335 -17.23 16.47 -22.08
C LEU C 335 -16.03 17.27 -21.56
N CYS C 336 -15.90 17.32 -20.24
CA CYS C 336 -14.90 18.13 -19.55
C CYS C 336 -14.14 17.31 -18.52
N PRO C 337 -13.03 17.86 -17.97
CA PRO C 337 -12.10 17.01 -17.21
C PRO C 337 -12.60 16.52 -15.87
N PHE C 338 -13.20 15.33 -15.89
CA PHE C 338 -13.50 14.56 -14.70
C PHE C 338 -12.63 13.31 -14.62
N ASP C 339 -12.40 12.65 -15.75
CA ASP C 339 -11.54 11.48 -15.79
C ASP C 339 -10.07 11.88 -15.80
N GLU C 340 -9.80 13.16 -15.54
CA GLU C 340 -8.45 13.68 -15.41
C GLU C 340 -8.30 14.37 -14.07
N VAL C 341 -9.33 14.28 -13.24
CA VAL C 341 -9.32 14.81 -11.89
C VAL C 341 -9.53 13.70 -10.87
N PHE C 342 -9.98 12.53 -11.30
CA PHE C 342 -10.33 11.42 -10.44
C PHE C 342 -9.44 10.23 -10.66
N ASN C 343 -8.71 10.19 -11.78
CA ASN C 343 -7.80 9.10 -12.10
C ASN C 343 -6.35 9.56 -12.08
N ALA C 344 -6.05 10.64 -11.37
CA ALA C 344 -4.69 11.13 -11.31
C ALA C 344 -3.77 10.09 -10.69
N THR C 345 -2.57 9.97 -11.24
CA THR C 345 -1.61 9.00 -10.74
C THR C 345 -1.17 9.35 -9.32
N ARG C 346 -0.73 10.58 -9.10
CA ARG C 346 -0.26 11.03 -7.79
C ARG C 346 -0.99 12.30 -7.37
N PHE C 347 -1.53 12.26 -6.17
CA PHE C 347 -2.29 13.37 -5.59
C PHE C 347 -1.39 14.26 -4.75
N ALA C 348 -1.78 15.52 -4.64
CA ALA C 348 -1.04 16.50 -3.86
C ALA C 348 -1.30 16.33 -2.37
N SER C 349 -0.50 17.03 -1.58
CA SER C 349 -0.57 16.96 -0.12
C SER C 349 -1.68 17.88 0.39
N VAL C 350 -1.94 17.81 1.69
CA VAL C 350 -3.02 18.60 2.27
C VAL C 350 -2.74 20.09 2.12
N TYR C 351 -1.48 20.48 2.30
CA TYR C 351 -1.16 21.93 2.26
C TYR C 351 -0.82 22.37 0.84
N ALA C 352 -1.04 21.50 -0.15
CA ALA C 352 -0.68 21.83 -1.55
C ALA C 352 -1.79 21.39 -2.51
N TRP C 353 -3.05 21.60 -2.13
CA TRP C 353 -4.17 21.17 -2.95
C TRP C 353 -4.07 21.72 -4.37
N ASN C 354 -4.60 20.95 -5.32
CA ASN C 354 -4.53 21.25 -6.75
C ASN C 354 -5.74 22.01 -7.30
N ARG C 355 -5.75 23.33 -7.18
CA ARG C 355 -6.91 24.09 -7.62
C ARG C 355 -7.08 23.97 -9.13
N LYS C 356 -8.34 23.99 -9.57
CA LYS C 356 -8.64 23.89 -11.00
C LYS C 356 -9.98 24.55 -11.29
N ARG C 357 -10.18 24.92 -12.56
CA ARG C 357 -11.47 25.39 -13.06
C ARG C 357 -11.95 24.44 -14.14
N ILE C 358 -13.26 24.18 -14.19
CA ILE C 358 -13.85 23.27 -15.17
C ILE C 358 -15.07 23.96 -15.76
N SER C 359 -14.92 24.51 -16.96
CA SER C 359 -16.03 25.17 -17.64
C SER C 359 -16.15 24.68 -19.08
N ASN C 360 -17.09 25.27 -19.80
CA ASN C 360 -17.34 24.98 -21.21
C ASN C 360 -17.42 23.48 -21.50
N CYS C 361 -18.45 22.85 -20.93
CA CYS C 361 -18.61 21.41 -21.17
C CYS C 361 -20.03 21.00 -20.88
N VAL C 362 -20.48 19.96 -21.56
CA VAL C 362 -21.78 19.36 -21.28
C VAL C 362 -21.53 18.40 -20.12
N ALA C 363 -21.85 18.83 -18.90
CA ALA C 363 -21.33 18.20 -17.69
C ALA C 363 -22.30 17.15 -17.20
N ASP C 364 -21.82 15.92 -17.08
CA ASP C 364 -22.58 14.80 -16.55
C ASP C 364 -21.97 14.39 -15.23
N TYR C 365 -22.67 14.66 -14.13
CA TYR C 365 -22.20 14.32 -12.80
C TYR C 365 -22.44 12.86 -12.44
N SER C 366 -22.72 12.00 -13.42
CA SER C 366 -22.92 10.59 -13.15
C SER C 366 -21.75 9.73 -13.60
N VAL C 367 -20.65 10.35 -14.04
CA VAL C 367 -19.44 9.56 -14.28
C VAL C 367 -18.78 9.18 -12.97
N LEU C 368 -19.13 9.88 -11.89
CA LEU C 368 -18.62 9.55 -10.57
C LEU C 368 -19.01 8.13 -10.16
N TYR C 369 -20.27 7.76 -10.37
CA TYR C 369 -20.83 6.58 -9.72
C TYR C 369 -20.19 5.28 -10.20
N ASN C 370 -19.56 5.29 -11.38
CA ASN C 370 -18.84 4.11 -11.85
C ASN C 370 -17.44 4.00 -11.27
N PHE C 371 -17.06 4.91 -10.37
CA PHE C 371 -15.70 4.90 -9.85
C PHE C 371 -15.51 3.91 -8.71
N ALA C 372 -16.21 4.12 -7.59
CA ALA C 372 -15.80 3.44 -6.37
C ALA C 372 -16.95 3.32 -5.38
N PRO C 373 -16.76 2.67 -4.21
CA PRO C 373 -17.87 2.60 -3.25
C PRO C 373 -18.22 3.94 -2.64
N PHE C 374 -17.37 4.96 -2.81
CA PHE C 374 -17.61 6.31 -2.32
C PHE C 374 -17.94 6.32 -0.83
N PHE C 375 -16.92 6.01 -0.03
CA PHE C 375 -17.06 5.97 1.41
C PHE C 375 -17.67 7.28 1.95
N ALA C 376 -17.10 8.41 1.57
CA ALA C 376 -17.57 9.71 2.03
C ALA C 376 -18.15 10.49 0.85
N PHE C 377 -19.46 10.68 0.84
CA PHE C 377 -20.09 11.50 -0.24
C PHE C 377 -21.33 12.20 0.31
N LYS C 378 -21.23 13.51 0.58
CA LYS C 378 -22.38 14.28 1.10
C LYS C 378 -22.36 15.68 0.47
N CYS C 379 -23.51 16.15 -0.03
CA CYS C 379 -23.54 17.43 -0.72
C CYS C 379 -24.33 18.46 0.07
N TYR C 380 -23.80 19.69 0.08
CA TYR C 380 -24.39 20.82 0.78
C TYR C 380 -24.95 21.79 -0.24
N GLY C 381 -26.18 22.22 -0.04
CA GLY C 381 -26.78 23.22 -0.90
C GLY C 381 -27.48 22.68 -2.13
N VAL C 382 -27.26 21.41 -2.48
CA VAL C 382 -27.81 20.80 -3.68
C VAL C 382 -27.84 19.29 -3.48
N SER C 383 -28.93 18.66 -3.91
CA SER C 383 -29.04 17.22 -3.72
C SER C 383 -28.23 16.48 -4.78
N PRO C 384 -27.59 15.37 -4.42
CA PRO C 384 -26.83 14.61 -5.43
C PRO C 384 -27.71 13.95 -6.48
N THR C 385 -28.92 13.52 -6.12
CA THR C 385 -29.80 12.86 -7.07
C THR C 385 -30.21 13.81 -8.19
N LYS C 386 -30.60 15.04 -7.84
CA LYS C 386 -31.06 16.02 -8.79
C LYS C 386 -29.95 16.98 -9.19
N LEU C 387 -28.72 16.50 -9.24
CA LEU C 387 -27.57 17.32 -9.60
C LEU C 387 -27.40 17.42 -11.12
N ASN C 388 -27.44 16.29 -11.81
CA ASN C 388 -27.15 16.29 -13.27
C ASN C 388 -27.92 17.36 -14.05
N ASP C 389 -29.06 17.84 -13.53
CA ASP C 389 -29.81 18.81 -14.35
C ASP C 389 -29.38 20.26 -14.12
N LEU C 390 -29.08 20.63 -12.88
CA LEU C 390 -28.78 22.03 -12.55
C LEU C 390 -27.50 22.49 -13.23
N CYS C 391 -27.38 23.81 -13.42
CA CYS C 391 -26.25 24.43 -14.08
C CYS C 391 -25.54 25.40 -13.13
N PHE C 392 -24.27 25.68 -13.42
CA PHE C 392 -23.41 26.38 -12.47
C PHE C 392 -22.60 27.46 -13.16
N THR C 393 -22.09 28.40 -12.35
CA THR C 393 -21.30 29.51 -12.90
C THR C 393 -19.85 29.11 -13.13
N ASN C 394 -19.14 28.76 -12.05
CA ASN C 394 -17.74 28.36 -12.11
C ASN C 394 -17.50 27.26 -11.09
N VAL C 395 -16.98 26.13 -11.54
CA VAL C 395 -16.83 24.95 -10.71
C VAL C 395 -15.34 24.72 -10.46
N TYR C 396 -14.92 24.86 -9.22
CA TYR C 396 -13.54 24.61 -8.83
C TYR C 396 -13.42 23.24 -8.17
N ALA C 397 -12.26 22.60 -8.35
CA ALA C 397 -12.02 21.27 -7.83
C ALA C 397 -10.66 21.22 -7.14
N ASP C 398 -10.64 20.78 -5.89
CA ASP C 398 -9.43 20.72 -5.09
C ASP C 398 -9.19 19.28 -4.67
N SER C 399 -8.00 18.76 -4.98
CA SER C 399 -7.67 17.36 -4.74
C SER C 399 -6.46 17.26 -3.82
N PHE C 400 -6.55 16.37 -2.83
CA PHE C 400 -5.44 16.11 -1.91
C PHE C 400 -5.69 14.78 -1.22
N VAL C 401 -4.85 14.47 -0.23
CA VAL C 401 -4.89 13.19 0.48
C VAL C 401 -4.76 13.45 1.96
N ILE C 402 -5.55 12.77 2.77
CA ILE C 402 -5.53 12.92 4.22
C ILE C 402 -5.53 11.55 4.87
N ARG C 403 -5.58 11.55 6.20
CA ARG C 403 -5.62 10.33 6.98
C ARG C 403 -7.07 9.83 7.08
N GLY C 404 -7.26 8.73 7.78
CA GLY C 404 -8.55 8.09 7.86
C GLY C 404 -9.55 8.85 8.71
N ASN C 405 -9.20 9.12 9.96
CA ASN C 405 -10.12 9.73 10.91
C ASN C 405 -10.21 11.25 10.76
N GLU C 406 -9.75 11.81 9.64
CA GLU C 406 -9.78 13.25 9.46
C GLU C 406 -10.68 13.66 8.30
N VAL C 407 -11.39 12.72 7.69
CA VAL C 407 -12.28 13.07 6.59
C VAL C 407 -13.44 13.88 7.10
N SER C 408 -13.78 13.73 8.38
CA SER C 408 -14.86 14.49 8.96
C SER C 408 -14.51 15.96 9.06
N GLN C 409 -13.23 16.31 9.03
CA GLN C 409 -12.86 17.70 9.29
C GLN C 409 -13.05 18.60 8.08
N ILE C 410 -13.30 18.06 6.90
CA ILE C 410 -13.55 18.88 5.71
C ILE C 410 -15.06 19.13 5.67
N ALA C 411 -15.47 20.17 6.40
CA ALA C 411 -16.87 20.53 6.50
C ALA C 411 -16.95 22.00 6.87
N PRO C 412 -18.07 22.66 6.59
CA PRO C 412 -18.17 24.09 6.88
C PRO C 412 -18.16 24.37 8.37
N GLY C 413 -17.17 25.14 8.81
CA GLY C 413 -17.13 25.62 10.18
C GLY C 413 -16.56 24.65 11.19
N GLN C 414 -15.91 23.58 10.76
CA GLN C 414 -15.44 22.55 11.67
C GLN C 414 -13.96 22.77 11.99
N THR C 415 -13.64 22.74 13.28
CA THR C 415 -12.30 23.00 13.76
C THR C 415 -11.55 21.70 14.05
N GLY C 416 -10.23 21.73 13.88
CA GLY C 416 -9.41 20.56 14.07
C GLY C 416 -7.92 20.85 13.98
N ASN C 417 -7.20 20.00 13.27
CA ASN C 417 -5.78 20.21 13.02
C ASN C 417 -5.45 20.35 11.56
N ILE C 418 -6.21 19.73 10.67
CA ILE C 418 -6.04 19.96 9.24
C ILE C 418 -6.96 21.07 8.76
N ALA C 419 -8.06 21.32 9.47
CA ALA C 419 -9.00 22.35 9.05
C ALA C 419 -8.58 23.73 9.54
N ASP C 420 -8.04 23.80 10.75
CA ASP C 420 -7.64 25.08 11.31
C ASP C 420 -6.22 25.48 10.96
N TYR C 421 -5.38 24.55 10.51
CA TYR C 421 -3.99 24.88 10.20
C TYR C 421 -3.67 24.91 8.72
N ASN C 422 -4.12 23.94 7.90
CA ASN C 422 -3.73 23.95 6.50
C ASN C 422 -4.82 23.81 5.44
N TYR C 423 -6.09 23.67 5.79
CA TYR C 423 -7.12 23.72 4.76
C TYR C 423 -8.48 24.05 5.36
N LYS C 424 -9.06 25.18 4.97
CA LYS C 424 -10.28 25.68 5.60
C LYS C 424 -11.21 26.22 4.52
N LEU C 425 -12.47 25.78 4.54
CA LEU C 425 -13.48 26.21 3.59
C LEU C 425 -14.61 26.97 4.29
N PRO C 426 -15.25 27.92 3.61
CA PRO C 426 -16.15 28.86 4.31
C PRO C 426 -17.38 28.21 4.90
N ASP C 427 -18.19 29.02 5.60
CA ASP C 427 -19.43 28.52 6.18
C ASP C 427 -20.57 28.52 5.17
N ASP C 428 -20.53 29.41 4.18
CA ASP C 428 -21.53 29.45 3.12
C ASP C 428 -21.13 28.60 1.91
N PHE C 429 -20.38 27.54 2.15
CA PHE C 429 -19.90 26.69 1.07
C PHE C 429 -21.05 25.97 0.39
N THR C 430 -21.00 25.96 -0.95
CA THR C 430 -21.96 25.23 -1.76
C THR C 430 -21.19 24.38 -2.76
N GLY C 431 -21.52 23.12 -2.81
CA GLY C 431 -20.75 22.12 -3.52
C GLY C 431 -20.82 20.81 -2.74
N CYS C 432 -19.76 20.02 -2.83
CA CYS C 432 -19.63 18.88 -1.95
C CYS C 432 -18.29 18.18 -2.10
N VAL C 433 -18.07 17.22 -1.20
CA VAL C 433 -16.79 16.57 -0.95
C VAL C 433 -16.95 15.09 -1.26
N ILE C 434 -15.88 14.49 -1.79
CA ILE C 434 -15.91 13.09 -2.19
C ILE C 434 -14.60 12.44 -1.77
N ALA C 435 -14.66 11.50 -0.83
CA ALA C 435 -13.48 10.84 -0.29
C ALA C 435 -13.67 9.34 -0.37
N TRP C 436 -12.68 8.65 -0.94
CA TRP C 436 -12.73 7.19 -1.07
C TRP C 436 -11.40 6.59 -0.63
N ASN C 437 -11.46 5.75 0.40
CA ASN C 437 -10.26 5.14 0.96
C ASN C 437 -9.38 4.57 -0.13
N SER C 438 -8.13 5.00 -0.18
CA SER C 438 -7.21 4.46 -1.18
C SER C 438 -5.87 4.19 -0.52
N ASN C 439 -5.66 2.94 -0.10
CA ASN C 439 -4.38 2.56 0.49
C ASN C 439 -3.74 1.41 -0.28
N LYS C 440 -4.24 1.11 -1.48
CA LYS C 440 -3.60 0.16 -2.38
C LYS C 440 -2.55 0.83 -3.24
N LEU C 441 -2.57 2.16 -3.30
CA LEU C 441 -1.65 2.93 -4.13
C LEU C 441 -0.87 3.96 -3.33
N ASP C 442 -1.04 4.00 -2.01
CA ASP C 442 -0.42 5.06 -1.22
C ASP C 442 0.41 4.59 -0.05
N SER C 443 0.21 3.38 0.47
CA SER C 443 0.96 2.93 1.63
C SER C 443 2.02 1.92 1.20
N LYS C 444 3.27 2.19 1.57
CA LYS C 444 4.38 1.32 1.27
C LYS C 444 4.82 0.56 2.51
N VAL C 445 5.55 -0.54 2.30
CA VAL C 445 6.05 -1.34 3.41
C VAL C 445 7.24 -0.59 4.00
N GLY C 446 7.05 -0.06 5.21
CA GLY C 446 8.07 0.70 5.90
C GLY C 446 7.67 2.13 6.19
N GLY C 447 6.65 2.65 5.51
CA GLY C 447 6.22 4.01 5.73
C GLY C 447 6.49 4.92 4.56
N ASN C 448 5.44 5.38 3.89
CA ASN C 448 5.57 6.27 2.74
C ASN C 448 5.65 7.71 3.25
N TYR C 449 6.88 8.22 3.37
CA TYR C 449 7.10 9.59 3.84
C TYR C 449 7.05 10.52 2.64
N ASN C 450 5.86 10.65 2.06
CA ASN C 450 5.69 11.51 0.90
C ASN C 450 4.61 12.57 1.09
N TYR C 451 3.66 12.34 1.98
CA TYR C 451 2.57 13.27 2.26
C TYR C 451 2.82 13.95 3.60
N ARG C 452 2.77 15.28 3.61
CA ARG C 452 2.99 16.07 4.80
C ARG C 452 1.76 16.93 5.10
N TYR C 453 1.82 17.64 6.23
CA TYR C 453 0.73 18.49 6.66
C TYR C 453 1.26 19.45 7.72
N ARG C 454 0.97 20.73 7.53
CA ARG C 454 1.38 21.75 8.50
C ARG C 454 0.75 21.49 9.85
N LEU C 455 1.59 21.25 10.86
CA LEU C 455 1.12 20.99 12.21
C LEU C 455 1.17 22.22 13.09
N PHE C 456 2.08 23.14 12.83
CA PHE C 456 2.23 24.35 13.62
C PHE C 456 2.15 25.57 12.73
N ARG C 457 1.59 26.64 13.29
CA ARG C 457 1.41 27.92 12.61
C ARG C 457 1.18 28.94 13.72
N LYS C 458 0.76 30.15 13.35
CA LYS C 458 0.52 31.18 14.34
C LYS C 458 -0.97 31.33 14.67
N SER C 459 -1.80 31.43 13.65
CA SER C 459 -3.24 31.60 13.85
C SER C 459 -3.97 30.77 12.78
N ASN C 460 -5.28 30.92 12.75
CA ASN C 460 -6.10 30.22 11.77
C ASN C 460 -5.91 30.88 10.41
N LEU C 461 -6.35 30.21 9.36
CA LEU C 461 -6.23 30.72 8.00
C LEU C 461 -7.60 31.04 7.43
N LYS C 462 -7.62 31.95 6.48
CA LYS C 462 -8.86 32.33 5.84
C LYS C 462 -9.26 31.26 4.83
N PRO C 463 -10.53 31.24 4.42
CA PRO C 463 -10.97 30.20 3.48
C PRO C 463 -10.16 30.21 2.19
N PHE C 464 -9.80 29.01 1.74
CA PHE C 464 -9.08 28.81 0.49
C PHE C 464 -7.78 29.61 0.45
N GLU C 465 -7.06 29.61 1.57
CA GLU C 465 -5.77 30.27 1.70
C GLU C 465 -4.70 29.20 1.80
N ARG C 466 -3.86 29.10 0.77
CA ARG C 466 -2.84 28.08 0.69
C ARG C 466 -1.46 28.72 0.82
N ASP C 467 -0.61 28.11 1.64
CA ASP C 467 0.75 28.59 1.86
C ASP C 467 1.72 27.41 1.78
N ILE C 468 2.91 27.70 1.28
CA ILE C 468 3.91 26.66 1.03
C ILE C 468 5.15 26.83 1.90
N SER C 469 5.39 28.00 2.46
CA SER C 469 6.58 28.31 3.25
C SER C 469 6.93 27.18 4.22
N THR C 470 8.21 26.83 4.26
CA THR C 470 8.70 25.73 5.07
C THR C 470 9.82 26.19 5.99
N GLU C 471 9.70 27.40 6.53
CA GLU C 471 10.70 27.88 7.48
C GLU C 471 10.64 27.06 8.75
N ILE C 472 11.69 27.14 9.55
CA ILE C 472 11.72 26.44 10.83
C ILE C 472 10.91 27.22 11.86
N TYR C 473 9.99 26.54 12.52
CA TYR C 473 9.05 27.19 13.41
C TYR C 473 9.80 27.87 14.55
N GLN C 474 9.16 28.87 15.14
CA GLN C 474 9.76 29.65 16.20
C GLN C 474 9.94 28.81 17.47
N ALA C 475 10.54 29.43 18.48
CA ALA C 475 10.65 28.87 19.82
C ALA C 475 10.41 29.96 20.85
N GLY C 476 9.41 30.80 20.61
CA GLY C 476 9.01 31.81 21.57
C GLY C 476 10.00 32.95 21.65
N ASN C 477 11.17 32.68 22.22
CA ASN C 477 12.29 33.62 22.11
C ASN C 477 12.92 33.40 20.74
N LYS C 478 14.05 34.05 20.48
CA LYS C 478 14.79 33.77 19.25
C LYS C 478 15.04 32.27 19.15
N PRO C 479 14.52 31.59 18.14
CA PRO C 479 14.44 30.13 18.18
C PRO C 479 15.77 29.44 17.91
N CYS C 480 15.74 28.10 17.80
CA CYS C 480 16.99 27.40 17.40
C CYS C 480 16.96 27.29 15.88
N ASN C 481 16.92 28.43 15.18
CA ASN C 481 16.83 28.44 13.70
C ASN C 481 17.87 27.46 13.13
N GLY C 482 17.41 26.35 12.54
CA GLY C 482 18.32 25.37 11.93
C GLY C 482 19.12 24.62 12.98
N VAL C 483 18.62 24.55 14.22
CA VAL C 483 19.30 23.79 15.30
C VAL C 483 18.26 23.21 16.26
N ALA C 484 18.71 22.54 17.32
CA ALA C 484 17.78 21.96 18.31
C ALA C 484 17.86 22.75 19.62
N GLY C 485 16.91 22.54 20.53
CA GLY C 485 16.92 23.25 21.83
C GLY C 485 15.56 23.14 22.50
N VAL C 486 15.10 24.21 23.19
CA VAL C 486 13.86 24.15 24.04
C VAL C 486 12.66 23.85 23.16
N ASN C 487 12.32 24.78 22.32
CA ASN C 487 11.20 24.40 21.44
C ASN C 487 11.47 24.81 19.98
N CYS C 488 12.35 24.09 19.26
CA CYS C 488 12.62 24.41 17.84
C CYS C 488 12.05 23.28 17.00
N TYR C 489 10.77 23.39 16.63
CA TYR C 489 10.10 22.26 15.94
C TYR C 489 9.73 22.59 14.49
N PHE C 490 10.30 21.92 13.49
CA PHE C 490 9.93 22.13 12.07
C PHE C 490 8.42 22.08 11.93
N PRO C 491 7.79 22.80 10.98
CA PRO C 491 6.32 22.92 10.88
C PRO C 491 5.66 21.76 10.17
N LEU C 492 6.35 21.12 9.23
CA LEU C 492 5.77 20.04 8.45
C LEU C 492 6.02 18.69 9.12
N GLN C 493 5.07 17.78 8.96
CA GLN C 493 5.20 16.44 9.50
C GLN C 493 4.62 15.44 8.52
N SER C 494 5.35 14.36 8.26
CA SER C 494 4.90 13.38 7.29
C SER C 494 3.88 12.44 7.91
N TYR C 495 2.99 11.92 7.06
CA TYR C 495 2.00 10.95 7.51
C TYR C 495 2.62 9.58 7.75
N GLY C 496 3.37 9.09 6.78
CA GLY C 496 4.05 7.82 6.94
C GLY C 496 3.10 6.64 7.00
N PHE C 497 2.43 6.35 5.89
CA PHE C 497 1.49 5.25 5.84
C PHE C 497 2.23 3.92 5.67
N ARG C 498 1.73 2.89 6.34
CA ARG C 498 2.24 1.54 6.21
C ARG C 498 1.06 0.58 6.23
N PRO C 499 1.24 -0.65 5.73
CA PRO C 499 0.11 -1.58 5.61
C PRO C 499 -0.27 -2.29 6.89
N THR C 500 0.22 -1.84 8.05
CA THR C 500 -0.20 -2.39 9.32
C THR C 500 -1.06 -1.42 10.12
N TYR C 501 -1.26 -0.21 9.62
CA TYR C 501 -2.07 0.77 10.31
C TYR C 501 -3.54 0.35 10.29
N GLY C 502 -4.24 0.69 11.38
CA GLY C 502 -5.66 0.45 11.43
C GLY C 502 -6.42 1.30 10.44
N VAL C 503 -7.70 0.96 10.24
CA VAL C 503 -8.51 1.65 9.24
C VAL C 503 -8.62 3.13 9.53
N GLY C 504 -8.40 3.54 10.78
CA GLY C 504 -8.42 4.94 11.12
C GLY C 504 -7.20 5.71 10.66
N HIS C 505 -6.11 5.01 10.37
CA HIS C 505 -4.85 5.63 9.97
C HIS C 505 -4.51 5.36 8.51
N GLN C 506 -5.47 4.98 7.72
CA GLN C 506 -5.18 4.70 6.32
C GLN C 506 -5.36 5.94 5.47
N PRO C 507 -4.66 6.04 4.34
CA PRO C 507 -4.79 7.23 3.49
C PRO C 507 -6.14 7.27 2.79
N TYR C 508 -6.65 8.48 2.61
CA TYR C 508 -7.92 8.73 1.95
C TYR C 508 -7.75 9.86 0.94
N ARG C 509 -8.12 9.60 -0.31
CA ARG C 509 -8.10 10.64 -1.34
C ARG C 509 -9.42 11.39 -1.32
N VAL C 510 -9.37 12.69 -1.59
CA VAL C 510 -10.54 13.54 -1.41
C VAL C 510 -10.50 14.69 -2.40
N VAL C 511 -11.66 14.99 -3.00
CA VAL C 511 -11.84 16.09 -3.94
C VAL C 511 -13.01 16.94 -3.47
N VAL C 512 -12.84 18.27 -3.54
CA VAL C 512 -13.86 19.22 -3.11
C VAL C 512 -14.28 20.06 -4.29
N LEU C 513 -15.57 20.10 -4.58
CA LEU C 513 -16.13 20.86 -5.70
C LEU C 513 -16.86 22.09 -5.16
N SER C 514 -16.53 23.25 -5.70
CA SER C 514 -17.14 24.51 -5.30
C SER C 514 -17.99 25.05 -6.45
N PHE C 515 -19.28 25.21 -6.20
CA PHE C 515 -20.23 25.67 -7.20
C PHE C 515 -20.59 27.13 -6.99
N GLU C 516 -21.36 27.66 -7.95
CA GLU C 516 -22.05 28.93 -7.80
C GLU C 516 -23.41 28.78 -8.47
N LEU C 517 -24.46 29.28 -7.81
CA LEU C 517 -25.81 29.03 -8.28
C LEU C 517 -26.70 30.25 -8.44
N LEU C 518 -26.32 31.42 -7.91
CA LEU C 518 -27.17 32.60 -7.97
C LEU C 518 -27.00 33.32 -9.30
N HIS C 519 -28.10 33.45 -10.05
CA HIS C 519 -28.08 34.12 -11.35
C HIS C 519 -26.98 33.53 -12.23
N ALA C 520 -27.10 32.23 -12.48
CA ALA C 520 -25.90 31.79 -13.16
C ALA C 520 -26.08 31.64 -14.67
N PRO C 521 -25.06 32.09 -15.39
CA PRO C 521 -25.01 31.93 -16.85
C PRO C 521 -24.50 30.55 -17.21
N ALA C 522 -25.43 29.59 -17.32
CA ALA C 522 -25.10 28.17 -17.42
C ALA C 522 -23.96 27.91 -18.38
N THR C 523 -22.85 27.41 -17.84
CA THR C 523 -21.61 27.30 -18.60
C THR C 523 -21.06 25.89 -18.49
N VAL C 524 -21.40 25.20 -17.40
CA VAL C 524 -20.97 23.82 -17.20
C VAL C 524 -22.13 22.98 -16.69
N CYS C 525 -22.83 22.32 -17.61
CA CYS C 525 -23.96 21.49 -17.24
C CYS C 525 -24.44 20.73 -18.46
N GLY C 526 -25.00 19.54 -18.20
CA GLY C 526 -25.56 18.70 -19.24
C GLY C 526 -26.83 17.99 -18.83
#